data_3PWT
#
_entry.id   3PWT
#
_cell.length_a   63.493
_cell.length_b   79.263
_cell.length_c   141.013
_cell.angle_alpha   90.00
_cell.angle_beta   90.00
_cell.angle_gamma   90.00
#
_symmetry.space_group_name_H-M   'P 21 21 21'
#
loop_
_entity.id
_entity.type
_entity.pdbx_description
1 polymer 'DNA topoisomerase'
2 non-polymer 'SULFATE ION'
3 water water
#
_entity_poly.entity_id   1
_entity_poly.type   'polypeptide(L)'
_entity_poly.pdbx_seq_one_letter_code
;MGKALVIVESPAKAKTINKYLGSDYVVKSSVGHIRDLPTSGSAAKKSADSTSTKTAKKPKKDERGALVNRMGVDPWHNWE
AHYEVLPGKEKVVSELKQLAEKADHIYLATNLDREGEAIAWHLREVIGGDDARYSRVVFNEITKNAIRQAFNKPGELNID
RVNAQQARRFMDRVVGYMVSPLLWKKIARGLSAGRVQSVAVRLVVEREREIKAFVPEEFWEVDASTTTPSGEALALQVTH
QNDKPFRPVNKEQTQAAVSLLEKARYSVLEREDKPTTSKPGAPFITSTLQQAASTRLGFGVKKTMMMAQRLYEAGYITYM
RTDSTNLSQDAVNMVRGYISDNFGKKYLPESPNQYASKENSQEAHEAIRPSDVNVMAESLKDMEADAQKLYQLIWRQFVA
CQMTPAKYDSTTLTVGAGDFRLKARGRILRFDGWTKVMPALRKGDEDRILPAVNKGDALTLVELTPAQHFTKPPARFSEA
SLVKELEKRGIGRPSTYASIISTIQDRGYVRVENRRFYAEKMGEIVTDRLEENFRELMNYDFTAQMENSLDQVANHEAEW
KAVLDHFFSDFTQQLDKAEKDPEEGGMRPNQMVLTS
;
_entity_poly.pdbx_strand_id   A
#
loop_
_chem_comp.id
_chem_comp.type
_chem_comp.name
_chem_comp.formula
SO4 non-polymer 'SULFATE ION' 'O4 S -2'
#
# COMPACT_ATOMS: atom_id res chain seq x y z
N GLY A 2 27.28 -36.19 1.26
CA GLY A 2 25.95 -36.25 1.95
C GLY A 2 24.84 -35.58 1.15
N LYS A 3 23.78 -35.20 1.84
CA LYS A 3 22.64 -34.55 1.20
C LYS A 3 22.85 -33.04 1.07
N ALA A 4 21.80 -32.33 0.69
CA ALA A 4 21.87 -30.88 0.52
C ALA A 4 21.12 -30.18 1.66
N LEU A 5 21.70 -29.10 2.15
CA LEU A 5 21.08 -28.33 3.22
C LEU A 5 20.33 -27.13 2.63
N VAL A 6 19.09 -26.95 3.07
CA VAL A 6 18.26 -25.85 2.60
C VAL A 6 17.86 -25.04 3.84
N ILE A 7 18.17 -23.74 3.83
CA ILE A 7 17.86 -22.88 4.97
C ILE A 7 16.77 -21.85 4.68
N VAL A 8 15.78 -21.77 5.57
CA VAL A 8 14.68 -20.81 5.44
C VAL A 8 14.55 -19.98 6.73
N GLU A 9 13.75 -18.91 6.69
CA GLU A 9 13.60 -18.02 7.84
C GLU A 9 12.62 -18.43 8.95
N SER A 10 11.73 -19.38 8.68
CA SER A 10 10.76 -19.74 9.73
C SER A 10 10.28 -21.19 9.68
N PRO A 11 9.75 -21.69 10.80
CA PRO A 11 9.24 -23.08 10.87
C PRO A 11 8.14 -23.33 9.84
N ALA A 12 7.25 -22.35 9.67
CA ALA A 12 6.15 -22.47 8.71
C ALA A 12 6.66 -22.69 7.29
N LYS A 13 7.60 -21.86 6.85
CA LYS A 13 8.16 -22.02 5.50
C LYS A 13 8.84 -23.38 5.42
N ALA A 14 9.54 -23.75 6.49
CA ALA A 14 10.24 -25.04 6.53
C ALA A 14 9.29 -26.21 6.27
N LYS A 15 8.16 -26.21 6.97
CA LYS A 15 7.17 -27.28 6.82
C LYS A 15 6.62 -27.35 5.41
N THR A 16 6.13 -26.23 4.90
CA THR A 16 5.56 -26.17 3.56
C THR A 16 6.55 -26.60 2.46
N ILE A 17 7.76 -26.07 2.51
CA ILE A 17 8.74 -26.39 1.49
C ILE A 17 9.19 -27.85 1.56
N ASN A 18 9.15 -28.42 2.76
CA ASN A 18 9.55 -29.82 2.97
C ASN A 18 8.69 -30.76 2.14
N LYS A 19 7.46 -30.34 1.87
CA LYS A 19 6.54 -31.16 1.10
C LYS A 19 6.95 -31.24 -0.36
N TYR A 20 7.80 -30.32 -0.79
CA TYR A 20 8.22 -30.29 -2.18
C TYR A 20 9.70 -30.58 -2.39
N LEU A 21 10.38 -31.01 -1.34
CA LEU A 21 11.80 -31.34 -1.41
C LEU A 21 12.04 -32.81 -1.06
N GLY A 22 12.66 -33.52 -1.98
CA GLY A 22 12.95 -34.93 -1.77
C GLY A 22 13.79 -35.26 -0.56
N SER A 23 14.07 -36.55 -0.39
CA SER A 23 14.86 -37.04 0.74
C SER A 23 16.33 -36.62 0.65
N ASP A 24 16.76 -36.19 -0.53
CA ASP A 24 18.14 -35.76 -0.72
C ASP A 24 18.37 -34.33 -0.22
N TYR A 25 17.39 -33.79 0.50
CA TYR A 25 17.47 -32.44 1.06
C TYR A 25 17.25 -32.48 2.56
N VAL A 26 17.79 -31.48 3.26
CA VAL A 26 17.63 -31.35 4.70
C VAL A 26 17.20 -29.92 4.98
N VAL A 27 15.91 -29.73 5.23
CA VAL A 27 15.38 -28.40 5.49
C VAL A 27 15.54 -27.97 6.94
N LYS A 28 15.98 -26.73 7.13
CA LYS A 28 16.19 -26.19 8.47
C LYS A 28 15.90 -24.69 8.49
N SER A 29 15.13 -24.26 9.48
CA SER A 29 14.80 -22.84 9.59
C SER A 29 15.76 -22.20 10.58
N SER A 30 16.13 -20.96 10.31
CA SER A 30 17.05 -20.24 11.19
C SER A 30 16.27 -19.51 12.27
N VAL A 31 14.94 -19.53 12.13
CA VAL A 31 14.06 -18.87 13.09
C VAL A 31 14.43 -17.40 13.24
N GLY A 32 14.02 -16.60 12.27
CA GLY A 32 14.33 -15.18 12.31
C GLY A 32 15.78 -14.92 11.98
N HIS A 33 16.18 -13.66 12.01
CA HIS A 33 17.55 -13.26 11.72
C HIS A 33 18.54 -13.92 12.67
N ILE A 34 19.71 -14.27 12.16
CA ILE A 34 20.75 -14.89 12.98
C ILE A 34 21.69 -13.80 13.47
N ARG A 35 21.99 -12.85 12.59
CA ARG A 35 22.85 -11.72 12.90
C ARG A 35 22.17 -10.41 12.52
N ASP A 36 22.61 -9.32 13.14
CA ASP A 36 22.08 -8.00 12.86
C ASP A 36 22.84 -6.97 13.67
N LEU A 37 22.58 -5.68 13.40
CA LEU A 37 23.24 -4.61 14.12
C LEU A 37 22.78 -4.65 15.58
N PRO A 38 23.52 -3.97 16.48
CA PRO A 38 23.19 -3.92 17.90
C PRO A 38 21.71 -3.62 18.17
N THR A 39 21.17 -4.26 19.20
CA THR A 39 19.77 -4.08 19.59
C THR A 39 18.83 -4.27 18.42
N ASP A 62 35.98 14.25 13.39
CA ASP A 62 34.56 14.17 13.70
C ASP A 62 34.18 12.72 13.94
N GLU A 63 33.94 12.33 15.18
CA GLU A 63 33.56 10.95 15.50
C GLU A 63 33.43 10.70 17.00
N ARG A 64 32.82 9.58 17.34
CA ARG A 64 32.65 9.20 18.73
C ARG A 64 32.52 7.68 18.84
N GLY A 65 33.44 7.08 19.59
CA GLY A 65 33.42 5.64 19.76
C GLY A 65 32.15 5.11 20.40
N ALA A 66 31.64 5.81 21.40
CA ALA A 66 30.43 5.38 22.09
C ALA A 66 29.25 5.34 21.12
N LEU A 67 29.22 6.31 20.21
CA LEU A 67 28.15 6.41 19.21
C LEU A 67 28.25 5.26 18.21
N VAL A 68 29.46 5.05 17.69
CA VAL A 68 29.72 4.00 16.72
C VAL A 68 29.41 2.62 17.30
N ASN A 69 29.76 2.40 18.56
CA ASN A 69 29.51 1.12 19.21
C ASN A 69 28.03 0.83 19.33
N ARG A 70 27.24 1.86 19.64
CA ARG A 70 25.80 1.67 19.76
C ARG A 70 25.16 1.44 18.40
N MET A 71 25.57 2.23 17.40
CA MET A 71 25.03 2.10 16.05
C MET A 71 25.38 0.76 15.40
N GLY A 72 26.63 0.33 15.59
CA GLY A 72 27.06 -0.92 14.99
C GLY A 72 27.66 -0.67 13.61
N VAL A 73 27.69 0.60 13.23
CA VAL A 73 28.26 1.00 11.94
C VAL A 73 29.09 2.25 12.18
N ASP A 74 30.14 2.42 11.39
CA ASP A 74 31.05 3.55 11.54
C ASP A 74 31.12 4.41 10.29
N PRO A 75 30.36 5.52 10.26
CA PRO A 75 30.31 6.45 9.12
C PRO A 75 31.66 7.11 8.83
N TRP A 76 32.54 7.11 9.81
CA TRP A 76 33.85 7.75 9.65
C TRP A 76 34.96 6.81 9.21
N HIS A 77 34.71 5.51 9.26
CA HIS A 77 35.71 4.53 8.83
C HIS A 77 35.19 3.66 7.68
N ASN A 78 34.72 4.32 6.64
CA ASN A 78 34.19 3.66 5.44
C ASN A 78 33.05 2.69 5.70
N TRP A 79 32.21 3.00 6.68
CA TRP A 79 31.04 2.18 6.99
C TRP A 79 31.30 0.77 7.49
N GLU A 80 32.40 0.59 8.22
CA GLU A 80 32.71 -0.72 8.78
C GLU A 80 31.57 -1.02 9.75
N ALA A 81 31.03 -2.23 9.69
CA ALA A 81 29.92 -2.62 10.55
C ALA A 81 30.30 -3.73 11.51
N HIS A 82 29.57 -3.80 12.62
CA HIS A 82 29.82 -4.80 13.65
C HIS A 82 28.53 -5.56 13.96
N TYR A 83 28.25 -6.58 13.16
CA TYR A 83 27.07 -7.40 13.34
C TYR A 83 27.35 -8.39 14.46
N GLU A 84 26.30 -8.84 15.14
CA GLU A 84 26.46 -9.80 16.23
C GLU A 84 25.29 -10.78 16.32
N VAL A 85 25.58 -12.02 16.65
CA VAL A 85 24.56 -13.05 16.76
C VAL A 85 23.48 -12.62 17.76
N LEU A 86 22.23 -12.75 17.36
CA LEU A 86 21.11 -12.36 18.21
C LEU A 86 21.01 -13.26 19.46
N PRO A 87 20.38 -12.75 20.52
CA PRO A 87 20.21 -13.51 21.77
C PRO A 87 19.57 -14.89 21.56
N GLY A 88 20.15 -15.91 22.18
CA GLY A 88 19.62 -17.25 22.05
C GLY A 88 19.84 -17.92 20.70
N LYS A 89 20.53 -17.24 19.80
CA LYS A 89 20.79 -17.79 18.47
C LYS A 89 22.14 -18.51 18.40
N GLU A 90 22.94 -18.35 19.44
CA GLU A 90 24.25 -18.98 19.50
C GLU A 90 24.12 -20.49 19.29
N LYS A 91 23.01 -21.05 19.76
CA LYS A 91 22.74 -22.48 19.62
C LYS A 91 22.41 -22.83 18.17
N VAL A 92 21.59 -22.00 17.55
CA VAL A 92 21.17 -22.20 16.16
C VAL A 92 22.37 -22.24 15.20
N VAL A 93 23.33 -21.35 15.42
CA VAL A 93 24.51 -21.29 14.57
C VAL A 93 25.29 -22.61 14.60
N SER A 94 25.48 -23.15 15.80
CA SER A 94 26.21 -24.40 15.96
C SER A 94 25.51 -25.51 15.18
N GLU A 95 24.19 -25.58 15.30
CA GLU A 95 23.41 -26.59 14.63
C GLU A 95 23.52 -26.45 13.11
N LEU A 96 23.55 -25.21 12.63
CA LEU A 96 23.66 -24.95 11.19
C LEU A 96 25.03 -25.40 10.66
N LYS A 97 26.08 -25.12 11.43
CA LYS A 97 27.43 -25.50 11.05
C LYS A 97 27.57 -27.02 10.94
N GLN A 98 27.13 -27.74 11.98
CA GLN A 98 27.23 -29.20 11.98
C GLN A 98 26.41 -29.81 10.85
N LEU A 99 25.36 -29.12 10.44
CA LEU A 99 24.52 -29.61 9.34
C LEU A 99 25.22 -29.28 8.04
N ALA A 100 25.89 -28.13 8.01
CA ALA A 100 26.61 -27.67 6.83
C ALA A 100 27.76 -28.61 6.45
N GLU A 101 28.48 -29.09 7.45
CA GLU A 101 29.60 -29.99 7.21
C GLU A 101 29.13 -31.29 6.53
N LYS A 102 28.01 -31.82 6.99
CA LYS A 102 27.47 -33.06 6.44
C LYS A 102 26.73 -32.83 5.12
N ALA A 103 26.69 -31.59 4.67
CA ALA A 103 26.00 -31.26 3.42
C ALA A 103 26.96 -31.03 2.26
N ASP A 104 26.55 -31.50 1.09
CA ASP A 104 27.34 -31.37 -0.14
C ASP A 104 27.25 -29.96 -0.71
N HIS A 105 26.09 -29.33 -0.54
CA HIS A 105 25.85 -27.98 -1.04
C HIS A 105 24.88 -27.27 -0.10
N ILE A 106 24.88 -25.95 -0.10
CA ILE A 106 23.99 -25.18 0.76
C ILE A 106 23.09 -24.25 -0.05
N TYR A 107 21.78 -24.41 0.13
CA TYR A 107 20.81 -23.59 -0.58
C TYR A 107 20.17 -22.57 0.35
N LEU A 108 20.34 -21.30 0.03
CA LEU A 108 19.77 -20.21 0.83
C LEU A 108 18.38 -19.92 0.24
N ALA A 109 17.35 -20.39 0.91
CA ALA A 109 15.99 -20.21 0.42
C ALA A 109 15.16 -19.15 1.14
N THR A 110 15.75 -17.97 1.34
CA THR A 110 15.07 -16.86 2.00
C THR A 110 14.10 -16.22 1.01
N ASN A 111 13.24 -15.33 1.49
CA ASN A 111 12.28 -14.67 0.61
C ASN A 111 13.02 -13.85 -0.45
N LEU A 112 12.32 -13.57 -1.55
CA LEU A 112 12.92 -12.88 -2.68
C LEU A 112 13.27 -11.40 -2.60
N ASP A 113 12.88 -10.70 -1.55
CA ASP A 113 13.19 -9.27 -1.47
C ASP A 113 14.62 -8.97 -1.01
N ARG A 114 14.99 -7.70 -0.98
CA ARG A 114 16.34 -7.31 -0.56
C ARG A 114 16.65 -7.73 0.86
N GLU A 115 15.65 -7.69 1.73
CA GLU A 115 15.84 -8.11 3.11
C GLU A 115 16.20 -9.59 3.10
N GLY A 116 15.48 -10.36 2.29
CA GLY A 116 15.73 -11.78 2.20
C GLY A 116 17.11 -12.09 1.63
N GLU A 117 17.61 -11.21 0.77
CA GLU A 117 18.93 -11.40 0.19
C GLU A 117 19.98 -11.15 1.28
N ALA A 118 19.72 -10.15 2.11
CA ALA A 118 20.63 -9.80 3.19
C ALA A 118 20.67 -10.91 4.24
N ILE A 119 19.51 -11.52 4.52
CA ILE A 119 19.43 -12.59 5.49
C ILE A 119 20.25 -13.78 4.98
N ALA A 120 20.19 -14.02 3.67
CA ALA A 120 20.96 -15.11 3.08
C ALA A 120 22.44 -14.82 3.23
N TRP A 121 22.80 -13.55 3.03
CA TRP A 121 24.18 -13.11 3.14
C TRP A 121 24.72 -13.38 4.55
N HIS A 122 23.92 -13.03 5.55
CA HIS A 122 24.33 -13.25 6.94
C HIS A 122 24.53 -14.73 7.21
N LEU A 123 23.65 -15.56 6.68
CA LEU A 123 23.78 -17.00 6.88
C LEU A 123 25.08 -17.49 6.27
N ARG A 124 25.32 -17.16 5.01
CA ARG A 124 26.55 -17.58 4.34
C ARG A 124 27.75 -17.07 5.10
N GLU A 125 27.68 -15.83 5.55
CA GLU A 125 28.78 -15.21 6.27
C GLU A 125 29.07 -15.91 7.61
N VAL A 126 28.01 -16.38 8.28
CA VAL A 126 28.19 -17.04 9.56
C VAL A 126 28.63 -18.49 9.43
N ILE A 127 27.97 -19.25 8.56
CA ILE A 127 28.32 -20.65 8.36
C ILE A 127 29.74 -20.81 7.81
N GLY A 128 30.18 -19.84 7.02
CA GLY A 128 31.52 -19.89 6.47
C GLY A 128 31.69 -20.84 5.29
N GLY A 129 32.94 -21.09 4.92
CA GLY A 129 33.22 -21.97 3.80
C GLY A 129 33.35 -21.19 2.51
N ASP A 130 33.68 -21.87 1.41
CA ASP A 130 33.83 -21.20 0.13
C ASP A 130 32.48 -20.84 -0.46
N ASP A 131 32.41 -19.69 -1.11
CA ASP A 131 31.17 -19.22 -1.72
C ASP A 131 30.57 -20.23 -2.70
N ALA A 132 31.42 -20.99 -3.38
CA ALA A 132 30.95 -21.97 -4.35
C ALA A 132 30.05 -23.01 -3.71
N ARG A 133 30.10 -23.07 -2.38
CA ARG A 133 29.30 -24.02 -1.62
C ARG A 133 27.86 -23.55 -1.45
N TYR A 134 27.61 -22.29 -1.83
CA TYR A 134 26.28 -21.71 -1.67
C TYR A 134 25.54 -21.37 -2.95
N SER A 135 24.21 -21.39 -2.84
CA SER A 135 23.31 -21.06 -3.94
C SER A 135 22.15 -20.29 -3.32
N ARG A 136 21.62 -19.32 -4.05
CA ARG A 136 20.50 -18.53 -3.57
C ARG A 136 19.31 -18.82 -4.46
N VAL A 137 18.32 -19.53 -3.93
CA VAL A 137 17.13 -19.86 -4.71
C VAL A 137 16.09 -18.76 -4.58
N VAL A 138 15.31 -18.58 -5.64
CA VAL A 138 14.28 -17.54 -5.66
C VAL A 138 12.96 -18.12 -6.15
N PHE A 139 11.89 -17.80 -5.44
CA PHE A 139 10.55 -18.27 -5.81
C PHE A 139 9.52 -17.30 -5.24
N ASN A 140 8.40 -17.12 -5.94
CA ASN A 140 7.39 -16.19 -5.46
C ASN A 140 6.20 -16.89 -4.83
N GLU A 141 6.30 -18.21 -4.65
CA GLU A 141 5.24 -18.99 -4.03
C GLU A 141 5.81 -20.37 -3.70
N ILE A 142 5.28 -21.02 -2.67
CA ILE A 142 5.77 -22.32 -2.28
C ILE A 142 4.84 -23.42 -2.75
N THR A 143 5.09 -23.88 -3.97
CA THR A 143 4.31 -24.94 -4.61
C THR A 143 5.29 -25.94 -5.23
N LYS A 144 4.79 -27.09 -5.64
CA LYS A 144 5.63 -28.13 -6.24
C LYS A 144 6.44 -27.61 -7.42
N ASN A 145 5.76 -27.05 -8.42
CA ASN A 145 6.41 -26.53 -9.60
C ASN A 145 7.32 -25.32 -9.35
N ALA A 146 6.94 -24.46 -8.42
CA ALA A 146 7.74 -23.29 -8.11
C ALA A 146 9.04 -23.72 -7.43
N ILE A 147 8.94 -24.64 -6.48
CA ILE A 147 10.13 -25.11 -5.77
C ILE A 147 11.00 -25.91 -6.73
N ARG A 148 10.35 -26.71 -7.58
CA ARG A 148 11.08 -27.51 -8.56
C ARG A 148 11.94 -26.61 -9.43
N GLN A 149 11.30 -25.66 -10.10
CA GLN A 149 12.00 -24.71 -10.98
C GLN A 149 13.05 -23.91 -10.23
N ALA A 150 12.73 -23.51 -9.00
CA ALA A 150 13.64 -22.72 -8.18
C ALA A 150 14.97 -23.46 -7.92
N PHE A 151 14.90 -24.75 -7.66
CA PHE A 151 16.10 -25.53 -7.40
C PHE A 151 16.71 -26.14 -8.65
N ASN A 152 16.00 -26.05 -9.77
CA ASN A 152 16.50 -26.59 -11.03
C ASN A 152 17.72 -25.80 -11.47
N LYS A 153 17.62 -24.48 -11.38
CA LYS A 153 18.70 -23.60 -11.76
C LYS A 153 18.88 -22.55 -10.68
N PRO A 154 19.50 -22.94 -9.56
CA PRO A 154 19.76 -22.05 -8.41
C PRO A 154 20.74 -20.93 -8.76
N GLY A 155 20.39 -19.70 -8.42
CA GLY A 155 21.25 -18.59 -8.70
C GLY A 155 22.29 -18.34 -7.62
N GLU A 156 23.04 -17.25 -7.77
CA GLU A 156 24.07 -16.88 -6.81
C GLU A 156 23.60 -15.67 -6.01
N LEU A 157 24.11 -15.52 -4.80
CA LEU A 157 23.75 -14.39 -3.96
C LEU A 157 24.11 -13.11 -4.73
N ASN A 158 23.23 -12.13 -4.73
CA ASN A 158 23.46 -10.88 -5.45
C ASN A 158 23.95 -9.81 -4.47
N ILE A 159 25.26 -9.57 -4.46
CA ILE A 159 25.86 -8.59 -3.53
C ILE A 159 25.32 -7.18 -3.64
N ASP A 160 24.88 -6.79 -4.83
CA ASP A 160 24.35 -5.45 -5.04
C ASP A 160 23.04 -5.26 -4.27
N ARG A 161 22.20 -6.28 -4.28
CA ARG A 161 20.93 -6.22 -3.55
C ARG A 161 21.22 -6.19 -2.05
N VAL A 162 22.21 -6.99 -1.63
CA VAL A 162 22.58 -7.01 -0.21
C VAL A 162 23.07 -5.61 0.20
N ASN A 163 23.89 -5.00 -0.65
CA ASN A 163 24.41 -3.66 -0.36
C ASN A 163 23.31 -2.60 -0.33
N ALA A 164 22.30 -2.77 -1.18
CA ALA A 164 21.20 -1.82 -1.23
C ALA A 164 20.43 -1.90 0.10
N GLN A 165 20.26 -3.12 0.60
CA GLN A 165 19.55 -3.34 1.85
C GLN A 165 20.37 -2.80 3.03
N GLN A 166 21.68 -3.04 3.03
CA GLN A 166 22.50 -2.54 4.12
C GLN A 166 22.54 -1.02 4.09
N ALA A 167 22.61 -0.44 2.90
CA ALA A 167 22.63 1.01 2.77
C ALA A 167 21.38 1.59 3.43
N ARG A 168 20.24 0.95 3.19
CA ARG A 168 18.99 1.40 3.78
C ARG A 168 19.10 1.36 5.29
N ARG A 169 19.54 0.22 5.83
CA ARG A 169 19.71 0.03 7.26
C ARG A 169 20.65 1.07 7.88
N PHE A 170 21.79 1.29 7.23
CA PHE A 170 22.78 2.24 7.73
C PHE A 170 22.23 3.67 7.77
N MET A 171 21.59 4.12 6.69
CA MET A 171 21.05 5.47 6.70
C MET A 171 20.01 5.62 7.80
N ASP A 172 19.17 4.60 7.99
CA ASP A 172 18.15 4.65 9.04
C ASP A 172 18.80 4.76 10.41
N ARG A 173 19.81 3.93 10.65
CA ARG A 173 20.52 3.89 11.92
C ARG A 173 21.17 5.26 12.21
N VAL A 174 21.76 5.87 11.19
CA VAL A 174 22.40 7.18 11.36
C VAL A 174 21.41 8.27 11.78
N VAL A 175 20.30 8.39 11.06
CA VAL A 175 19.29 9.38 11.39
C VAL A 175 18.72 9.10 12.78
N GLY A 176 18.31 7.85 13.01
CA GLY A 176 17.75 7.47 14.29
C GLY A 176 18.65 7.75 15.49
N TYR A 177 19.86 7.21 15.45
CA TYR A 177 20.80 7.38 16.55
C TYR A 177 21.50 8.73 16.63
N MET A 178 21.50 9.51 15.55
CA MET A 178 22.16 10.80 15.60
C MET A 178 21.24 12.00 15.73
N VAL A 179 20.00 11.89 15.24
CA VAL A 179 19.05 12.99 15.35
C VAL A 179 18.34 12.93 16.71
N SER A 180 18.05 11.72 17.18
CA SER A 180 17.36 11.55 18.46
C SER A 180 18.01 12.27 19.64
N PRO A 181 19.33 12.13 19.82
CA PRO A 181 19.98 12.83 20.94
C PRO A 181 19.78 14.34 20.87
N LEU A 182 19.68 14.88 19.66
CA LEU A 182 19.47 16.31 19.50
C LEU A 182 18.06 16.65 19.95
N LEU A 183 17.11 15.77 19.64
CA LEU A 183 15.73 15.98 20.04
C LEU A 183 15.54 15.92 21.55
N TRP A 184 16.33 15.08 22.24
CA TRP A 184 16.19 14.96 23.69
C TRP A 184 16.61 16.24 24.39
N LYS A 185 17.67 16.86 23.88
CA LYS A 185 18.20 18.09 24.45
C LYS A 185 17.33 19.30 24.11
N LYS A 186 16.95 19.39 22.84
CA LYS A 186 16.15 20.50 22.34
C LYS A 186 14.65 20.41 22.63
N ILE A 187 14.08 19.22 22.55
CA ILE A 187 12.64 19.06 22.71
C ILE A 187 12.17 18.25 23.91
N ALA A 188 12.54 16.97 23.96
CA ALA A 188 12.12 16.12 25.08
C ALA A 188 12.81 14.77 25.05
N ARG A 189 13.15 14.25 26.23
CA ARG A 189 13.81 12.96 26.33
C ARG A 189 12.89 11.86 25.83
N GLY A 190 13.48 10.76 25.36
CA GLY A 190 12.68 9.64 24.86
C GLY A 190 12.22 9.72 23.42
N LEU A 191 12.23 10.92 22.84
CA LEU A 191 11.79 11.10 21.46
C LEU A 191 12.67 10.34 20.47
N SER A 192 12.06 9.87 19.40
CA SER A 192 12.77 9.14 18.35
C SER A 192 12.69 9.90 17.03
N ALA A 193 13.60 9.57 16.12
CA ALA A 193 13.63 10.19 14.82
C ALA A 193 13.80 9.09 13.79
N GLY A 194 13.08 9.20 12.67
CA GLY A 194 13.18 8.19 11.64
C GLY A 194 13.37 8.85 10.28
N ARG A 195 14.24 8.28 9.47
CA ARG A 195 14.50 8.85 8.15
C ARG A 195 13.19 9.02 7.38
N VAL A 196 12.52 7.92 7.06
CA VAL A 196 11.25 8.01 6.33
C VAL A 196 10.07 8.24 7.30
N GLN A 197 10.20 7.73 8.53
CA GLN A 197 9.14 7.92 9.51
C GLN A 197 8.79 9.40 9.69
N SER A 198 9.81 10.24 9.77
CA SER A 198 9.59 11.67 9.95
C SER A 198 8.80 12.30 8.79
N VAL A 199 9.06 11.81 7.59
CA VAL A 199 8.38 12.33 6.40
C VAL A 199 6.92 11.89 6.37
N ALA A 200 6.66 10.65 6.79
CA ALA A 200 5.29 10.15 6.84
C ALA A 200 4.51 10.98 7.85
N VAL A 201 5.12 11.28 9.00
CA VAL A 201 4.46 12.08 10.03
C VAL A 201 4.16 13.47 9.46
N ARG A 202 5.08 14.00 8.68
CA ARG A 202 4.87 15.31 8.08
C ARG A 202 3.57 15.28 7.27
N LEU A 203 3.35 14.21 6.52
CA LEU A 203 2.12 14.11 5.72
C LEU A 203 0.87 14.19 6.61
N VAL A 204 0.91 13.48 7.73
CA VAL A 204 -0.24 13.48 8.66
C VAL A 204 -0.44 14.87 9.29
N VAL A 205 0.67 15.52 9.62
CA VAL A 205 0.61 16.85 10.22
C VAL A 205 0.02 17.87 9.24
N GLU A 206 0.44 17.81 7.97
CA GLU A 206 -0.09 18.74 6.98
C GLU A 206 -1.60 18.54 6.81
N ARG A 207 -2.03 17.29 6.83
CA ARG A 207 -3.45 16.97 6.71
C ARG A 207 -4.21 17.50 7.93
N GLU A 208 -3.60 17.40 9.10
CA GLU A 208 -4.24 17.87 10.33
C GLU A 208 -4.48 19.37 10.26
N ARG A 209 -3.47 20.10 9.82
CA ARG A 209 -3.57 21.53 9.71
C ARG A 209 -4.55 21.98 8.63
N GLU A 210 -4.70 21.17 7.58
CA GLU A 210 -5.65 21.50 6.50
C GLU A 210 -7.06 21.41 7.07
N ILE A 211 -7.31 20.35 7.84
CA ILE A 211 -8.61 20.12 8.45
C ILE A 211 -8.97 21.15 9.51
N LYS A 212 -7.99 21.56 10.31
CA LYS A 212 -8.22 22.54 11.36
C LYS A 212 -8.53 23.92 10.75
N ALA A 213 -7.95 24.20 9.59
CA ALA A 213 -8.13 25.48 8.91
C ALA A 213 -9.28 25.47 7.90
N PHE A 214 -9.91 24.32 7.71
CA PHE A 214 -11.00 24.23 6.74
C PHE A 214 -12.27 24.98 7.15
N VAL A 215 -12.83 25.72 6.20
CA VAL A 215 -14.07 26.45 6.42
C VAL A 215 -15.08 25.96 5.38
N PRO A 216 -16.08 25.18 5.83
CA PRO A 216 -17.11 24.63 4.94
C PRO A 216 -17.85 25.72 4.17
N GLU A 217 -18.02 25.50 2.87
CA GLU A 217 -18.74 26.46 2.02
C GLU A 217 -20.17 25.97 1.77
N GLU A 218 -21.12 26.89 1.84
CA GLU A 218 -22.52 26.56 1.63
C GLU A 218 -22.93 26.53 0.16
N PHE A 219 -23.77 25.57 -0.20
CA PHE A 219 -24.29 25.47 -1.56
C PHE A 219 -25.57 24.65 -1.50
N TRP A 220 -26.53 24.98 -2.36
CA TRP A 220 -27.80 24.28 -2.36
C TRP A 220 -28.07 23.51 -3.64
N GLU A 221 -29.02 22.59 -3.55
CA GLU A 221 -29.44 21.78 -4.68
C GLU A 221 -30.96 21.74 -4.67
N VAL A 222 -31.56 21.59 -5.84
CA VAL A 222 -33.00 21.51 -5.94
C VAL A 222 -33.38 20.32 -6.80
N ASP A 223 -34.22 19.47 -6.23
CA ASP A 223 -34.68 18.30 -6.95
C ASP A 223 -36.16 18.47 -7.23
N ALA A 224 -36.63 17.82 -8.29
CA ALA A 224 -38.03 17.93 -8.66
C ALA A 224 -38.64 16.56 -8.88
N SER A 225 -39.83 16.37 -8.32
CA SER A 225 -40.59 15.14 -8.47
C SER A 225 -41.61 15.44 -9.55
N THR A 226 -41.58 14.66 -10.62
CA THR A 226 -42.53 14.88 -11.71
C THR A 226 -43.22 13.58 -12.10
N THR A 227 -44.22 13.72 -12.98
CA THR A 227 -44.99 12.59 -13.49
C THR A 227 -44.93 12.61 -15.01
N THR A 228 -44.72 11.43 -15.60
CA THR A 228 -44.65 11.31 -17.05
C THR A 228 -46.07 11.29 -17.61
N PRO A 229 -46.21 11.35 -18.95
CA PRO A 229 -47.55 11.34 -19.54
C PRO A 229 -48.39 10.16 -19.05
N SER A 230 -47.76 8.99 -18.97
CA SER A 230 -48.45 7.79 -18.51
C SER A 230 -48.85 7.95 -17.04
N GLY A 231 -47.94 8.50 -16.24
CA GLY A 231 -48.22 8.69 -14.83
C GLY A 231 -47.10 8.18 -13.94
N GLU A 232 -46.01 7.73 -14.56
CA GLU A 232 -44.88 7.21 -13.80
C GLU A 232 -44.07 8.31 -13.16
N ALA A 233 -43.46 8.01 -12.02
CA ALA A 233 -42.65 8.97 -11.29
C ALA A 233 -41.29 9.20 -11.91
N LEU A 234 -40.88 10.46 -11.99
CA LEU A 234 -39.59 10.83 -12.55
C LEU A 234 -38.91 11.89 -11.68
N ALA A 235 -37.79 11.50 -11.07
CA ALA A 235 -37.03 12.41 -10.20
C ALA A 235 -35.93 13.10 -11.00
N LEU A 236 -35.84 14.42 -10.81
CA LEU A 236 -34.86 15.23 -11.53
C LEU A 236 -34.10 16.16 -10.60
N GLN A 237 -32.90 16.57 -11.01
CA GLN A 237 -32.11 17.53 -10.25
C GLN A 237 -31.84 18.71 -11.18
N VAL A 238 -31.96 19.92 -10.66
CA VAL A 238 -31.73 21.13 -11.46
C VAL A 238 -30.23 21.26 -11.73
N THR A 239 -29.87 21.35 -13.01
CA THR A 239 -28.47 21.48 -13.40
C THR A 239 -28.06 22.86 -13.88
N HIS A 240 -28.94 23.53 -14.62
CA HIS A 240 -28.62 24.85 -15.14
C HIS A 240 -29.78 25.83 -15.06
N GLN A 241 -29.44 27.10 -15.11
CA GLN A 241 -30.41 28.20 -15.11
C GLN A 241 -29.79 29.26 -16.03
N ASN A 242 -30.53 29.63 -17.07
CA ASN A 242 -30.02 30.62 -18.02
C ASN A 242 -28.78 30.05 -18.71
N ASP A 243 -28.71 28.73 -18.78
CA ASP A 243 -27.59 28.04 -19.41
C ASP A 243 -26.29 28.18 -18.64
N LYS A 244 -26.41 28.22 -17.32
CA LYS A 244 -25.25 28.33 -16.45
C LYS A 244 -25.41 27.37 -15.28
N PRO A 245 -24.30 26.78 -14.82
CA PRO A 245 -24.35 25.83 -13.69
C PRO A 245 -25.20 26.38 -12.55
N PHE A 246 -26.14 25.56 -12.08
CA PHE A 246 -27.06 25.96 -11.01
C PHE A 246 -26.52 25.59 -9.62
N ARG A 247 -26.13 26.60 -8.84
CA ARG A 247 -25.60 26.35 -7.51
C ARG A 247 -25.81 27.53 -6.57
N PRO A 248 -27.03 27.68 -6.03
CA PRO A 248 -27.31 28.79 -5.11
C PRO A 248 -26.45 28.60 -3.87
N VAL A 249 -26.04 29.70 -3.24
CA VAL A 249 -25.19 29.62 -2.05
C VAL A 249 -25.94 29.88 -0.75
N ASN A 250 -27.24 30.19 -0.83
CA ASN A 250 -28.02 30.43 0.38
C ASN A 250 -29.49 30.11 0.20
N LYS A 251 -30.25 30.19 1.30
CA LYS A 251 -31.67 29.89 1.25
C LYS A 251 -32.44 30.90 0.41
N GLU A 252 -32.03 32.16 0.45
CA GLU A 252 -32.71 33.20 -0.31
C GLU A 252 -32.67 32.92 -1.81
N GLN A 253 -31.49 32.61 -2.34
CA GLN A 253 -31.34 32.34 -3.77
C GLN A 253 -32.09 31.10 -4.23
N THR A 254 -32.14 30.08 -3.37
CA THR A 254 -32.83 28.85 -3.73
C THR A 254 -34.34 29.05 -3.78
N GLN A 255 -34.89 29.78 -2.82
CA GLN A 255 -36.33 30.05 -2.78
C GLN A 255 -36.74 30.79 -4.05
N ALA A 256 -35.91 31.74 -4.46
CA ALA A 256 -36.19 32.52 -5.67
C ALA A 256 -36.23 31.59 -6.87
N ALA A 257 -35.36 30.59 -6.87
CA ALA A 257 -35.31 29.62 -7.96
C ALA A 257 -36.53 28.71 -7.88
N VAL A 258 -36.87 28.30 -6.66
CA VAL A 258 -38.03 27.43 -6.45
C VAL A 258 -39.30 28.10 -6.94
N SER A 259 -39.45 29.38 -6.65
CA SER A 259 -40.64 30.13 -7.07
C SER A 259 -40.85 30.07 -8.58
N LEU A 260 -39.76 30.17 -9.34
CA LEU A 260 -39.82 30.12 -10.79
C LEU A 260 -40.14 28.70 -11.27
N LEU A 261 -39.48 27.71 -10.66
CA LEU A 261 -39.68 26.31 -11.02
C LEU A 261 -41.08 25.81 -10.72
N GLU A 262 -41.72 26.38 -9.70
CA GLU A 262 -43.07 25.97 -9.34
C GLU A 262 -44.07 26.32 -10.45
N LYS A 263 -43.77 27.38 -11.20
CA LYS A 263 -44.69 27.81 -12.25
C LYS A 263 -44.31 27.38 -13.66
N ALA A 264 -43.11 26.83 -13.81
CA ALA A 264 -42.64 26.43 -15.14
C ALA A 264 -43.31 25.21 -15.74
N ARG A 265 -43.26 25.13 -17.06
CA ARG A 265 -43.79 24.00 -17.80
C ARG A 265 -42.58 23.11 -18.04
N TYR A 266 -42.71 21.83 -17.73
CA TYR A 266 -41.61 20.88 -17.90
C TYR A 266 -41.79 20.02 -19.15
N SER A 267 -40.69 19.78 -19.86
CA SER A 267 -40.74 18.96 -21.06
C SER A 267 -39.41 18.24 -21.30
N VAL A 268 -39.48 17.05 -21.89
CA VAL A 268 -38.27 16.27 -22.18
C VAL A 268 -37.49 16.92 -23.32
N LEU A 269 -36.30 17.40 -23.01
CA LEU A 269 -35.43 18.09 -23.95
C LEU A 269 -34.60 17.15 -24.84
N GLU A 270 -34.12 16.05 -24.25
CA GLU A 270 -33.30 15.08 -24.96
C GLU A 270 -33.14 13.80 -24.15
N ARG A 271 -32.99 12.68 -24.86
CA ARG A 271 -32.80 11.39 -24.21
C ARG A 271 -31.62 10.67 -24.86
N GLU A 272 -30.56 10.47 -24.08
CA GLU A 272 -29.36 9.81 -24.56
C GLU A 272 -29.23 8.44 -23.90
N ASP A 273 -29.41 7.39 -24.69
CA ASP A 273 -29.30 6.03 -24.19
C ASP A 273 -28.05 5.40 -24.81
N LYS A 274 -27.04 5.17 -23.98
CA LYS A 274 -25.79 4.60 -24.46
C LYS A 274 -25.24 3.45 -23.62
N PRO A 275 -24.65 2.45 -24.27
CA PRO A 275 -24.09 1.31 -23.55
C PRO A 275 -22.78 1.70 -22.88
N THR A 276 -22.61 1.27 -21.63
CA THR A 276 -21.41 1.57 -20.85
C THR A 276 -20.94 0.26 -20.22
N THR A 277 -19.76 0.28 -19.63
CA THR A 277 -19.21 -0.93 -19.00
C THR A 277 -18.37 -0.61 -17.78
N SER A 278 -18.11 -1.63 -16.98
CA SER A 278 -17.26 -1.50 -15.80
C SER A 278 -16.23 -2.61 -15.93
N LYS A 279 -14.98 -2.29 -15.60
CA LYS A 279 -13.89 -3.24 -15.71
C LYS A 279 -13.39 -3.71 -14.35
N PRO A 280 -12.97 -4.98 -14.26
CA PRO A 280 -12.48 -5.45 -12.96
C PRO A 280 -11.15 -4.77 -12.70
N GLY A 281 -10.70 -4.75 -11.45
CA GLY A 281 -9.43 -4.11 -11.17
C GLY A 281 -8.28 -5.04 -11.50
N ALA A 282 -7.05 -4.52 -11.44
CA ALA A 282 -5.87 -5.34 -11.72
C ALA A 282 -5.69 -6.24 -10.50
N PRO A 283 -4.89 -7.32 -10.62
CA PRO A 283 -4.69 -8.19 -9.45
C PRO A 283 -3.99 -7.32 -8.39
N PHE A 284 -4.03 -7.75 -7.14
CA PHE A 284 -3.42 -6.96 -6.06
C PHE A 284 -1.89 -6.88 -6.02
N ILE A 285 -1.39 -5.79 -5.43
CA ILE A 285 0.02 -5.60 -5.18
C ILE A 285 -0.02 -5.23 -3.69
N THR A 286 1.12 -5.07 -3.03
CA THR A 286 1.10 -4.77 -1.60
C THR A 286 0.19 -3.60 -1.20
N SER A 287 0.42 -2.44 -1.80
CA SER A 287 -0.37 -1.26 -1.49
C SER A 287 -1.88 -1.41 -1.75
N THR A 288 -2.27 -1.87 -2.93
CA THR A 288 -3.69 -2.01 -3.23
C THR A 288 -4.38 -3.08 -2.37
N LEU A 289 -3.62 -4.10 -1.93
CA LEU A 289 -4.20 -5.13 -1.06
C LEU A 289 -4.51 -4.51 0.30
N GLN A 290 -3.58 -3.72 0.82
CA GLN A 290 -3.78 -3.08 2.09
C GLN A 290 -5.00 -2.14 2.07
N GLN A 291 -5.17 -1.41 0.97
CA GLN A 291 -6.32 -0.51 0.87
C GLN A 291 -7.65 -1.27 0.76
N ALA A 292 -7.68 -2.30 -0.09
CA ALA A 292 -8.90 -3.08 -0.26
C ALA A 292 -9.32 -3.79 1.04
N ALA A 293 -8.35 -4.40 1.71
CA ALA A 293 -8.62 -5.11 2.97
C ALA A 293 -9.14 -4.15 4.02
N SER A 294 -8.62 -2.93 4.02
CA SER A 294 -9.03 -1.91 4.97
C SER A 294 -10.46 -1.42 4.66
N THR A 295 -10.70 -1.04 3.41
CA THR A 295 -12.01 -0.54 3.00
C THR A 295 -13.10 -1.61 3.00
N ARG A 296 -12.76 -2.82 2.55
CA ARG A 296 -13.76 -3.88 2.49
C ARG A 296 -13.90 -4.74 3.74
N LEU A 297 -12.79 -5.09 4.37
CA LEU A 297 -12.80 -5.96 5.53
C LEU A 297 -12.53 -5.29 6.89
N GLY A 298 -12.16 -4.01 6.85
CA GLY A 298 -11.87 -3.29 8.07
C GLY A 298 -10.57 -3.73 8.71
N PHE A 299 -9.65 -4.26 7.91
CA PHE A 299 -8.37 -4.72 8.44
C PHE A 299 -7.31 -3.63 8.37
N GLY A 300 -6.58 -3.45 9.47
CA GLY A 300 -5.51 -2.47 9.48
C GLY A 300 -4.33 -3.04 8.71
N VAL A 301 -3.33 -2.21 8.42
CA VAL A 301 -2.18 -2.66 7.66
C VAL A 301 -1.39 -3.77 8.34
N LYS A 302 -1.25 -3.70 9.66
CA LYS A 302 -0.53 -4.73 10.39
C LYS A 302 -1.22 -6.08 10.29
N LYS A 303 -2.53 -6.09 10.50
CA LYS A 303 -3.29 -7.34 10.43
C LYS A 303 -3.18 -7.93 9.02
N THR A 304 -3.44 -7.11 8.02
CA THR A 304 -3.36 -7.56 6.63
C THR A 304 -2.02 -8.21 6.28
N MET A 305 -0.92 -7.57 6.61
CA MET A 305 0.38 -8.12 6.27
C MET A 305 0.76 -9.33 7.10
N MET A 306 0.28 -9.41 8.34
CA MET A 306 0.59 -10.57 9.15
C MET A 306 -0.17 -11.77 8.61
N MET A 307 -1.42 -11.56 8.19
CA MET A 307 -2.21 -12.67 7.66
C MET A 307 -1.71 -13.07 6.28
N ALA A 308 -1.28 -12.08 5.50
CA ALA A 308 -0.77 -12.37 4.16
C ALA A 308 0.45 -13.27 4.30
N GLN A 309 1.34 -12.93 5.25
CA GLN A 309 2.54 -13.73 5.46
C GLN A 309 2.19 -15.17 5.79
N ARG A 310 1.22 -15.36 6.68
CA ARG A 310 0.82 -16.71 7.05
C ARG A 310 0.29 -17.47 5.84
N LEU A 311 -0.52 -16.80 5.01
CA LEU A 311 -1.07 -17.44 3.82
C LEU A 311 0.06 -17.80 2.87
N TYR A 312 1.05 -16.90 2.75
CA TYR A 312 2.17 -17.14 1.86
C TYR A 312 3.05 -18.30 2.34
N GLU A 313 3.45 -18.27 3.61
CA GLU A 313 4.32 -19.32 4.15
C GLU A 313 3.64 -20.69 4.16
N ALA A 314 2.32 -20.70 4.12
CA ALA A 314 1.55 -21.94 4.12
C ALA A 314 1.37 -22.44 2.69
N GLY A 315 1.86 -21.66 1.74
CA GLY A 315 1.78 -22.03 0.33
C GLY A 315 0.46 -21.75 -0.37
N TYR A 316 -0.34 -20.83 0.16
CA TYR A 316 -1.63 -20.53 -0.45
C TYR A 316 -1.65 -19.36 -1.40
N ILE A 317 -0.71 -18.43 -1.26
CA ILE A 317 -0.64 -17.25 -2.14
C ILE A 317 0.81 -16.90 -2.51
N THR A 318 0.96 -16.06 -3.53
CA THR A 318 2.28 -15.63 -3.98
C THR A 318 2.84 -14.63 -2.97
N TYR A 319 4.11 -14.28 -3.11
CA TYR A 319 4.78 -13.37 -2.19
C TYR A 319 4.00 -12.09 -1.98
N MET A 320 3.87 -11.65 -0.73
CA MET A 320 3.07 -10.46 -0.41
C MET A 320 3.75 -9.09 -0.46
N ARG A 321 5.03 -9.07 -0.81
CA ARG A 321 5.74 -7.81 -0.94
C ARG A 321 6.03 -7.66 -2.43
N THR A 322 5.20 -6.89 -3.11
CA THR A 322 5.36 -6.70 -4.54
C THR A 322 4.66 -5.45 -5.03
N ASP A 323 5.14 -4.91 -6.15
CA ASP A 323 4.54 -3.74 -6.76
C ASP A 323 4.29 -4.05 -8.25
N SER A 324 4.28 -5.33 -8.59
CA SER A 324 4.05 -5.79 -9.97
C SER A 324 2.66 -6.40 -10.15
N THR A 325 1.95 -6.00 -11.21
CA THR A 325 0.62 -6.55 -11.48
C THR A 325 0.71 -7.66 -12.52
N ASN A 326 1.92 -8.13 -12.76
CA ASN A 326 2.14 -9.19 -13.74
C ASN A 326 1.62 -10.53 -13.25
N LEU A 327 1.15 -11.33 -14.19
CA LEU A 327 0.64 -12.66 -13.89
C LEU A 327 1.36 -13.63 -14.83
N SER A 328 1.92 -14.71 -14.29
CA SER A 328 2.62 -15.69 -15.12
C SER A 328 1.67 -16.35 -16.11
N GLN A 329 2.22 -16.95 -17.16
CA GLN A 329 1.41 -17.60 -18.17
C GLN A 329 0.59 -18.73 -17.54
N ASP A 330 1.24 -19.54 -16.70
CA ASP A 330 0.57 -20.67 -16.05
C ASP A 330 -0.59 -20.21 -15.16
N ALA A 331 -0.36 -19.11 -14.45
CA ALA A 331 -1.39 -18.56 -13.55
C ALA A 331 -2.59 -18.10 -14.36
N VAL A 332 -2.35 -17.46 -15.49
CA VAL A 332 -3.43 -17.00 -16.35
C VAL A 332 -4.19 -18.19 -16.95
N ASN A 333 -3.46 -19.22 -17.36
CA ASN A 333 -4.11 -20.41 -17.94
C ASN A 333 -4.98 -21.09 -16.89
N MET A 334 -4.45 -21.18 -15.68
CA MET A 334 -5.14 -21.79 -14.55
C MET A 334 -6.48 -21.09 -14.26
N VAL A 335 -6.47 -19.76 -14.19
CA VAL A 335 -7.68 -19.01 -13.90
C VAL A 335 -8.65 -18.98 -15.08
N ARG A 336 -8.16 -18.94 -16.31
CA ARG A 336 -9.06 -18.95 -17.46
C ARG A 336 -9.78 -20.30 -17.50
N GLY A 337 -9.08 -21.36 -17.14
CA GLY A 337 -9.71 -22.67 -17.11
C GLY A 337 -10.83 -22.67 -16.08
N TYR A 338 -10.57 -22.05 -14.94
CA TYR A 338 -11.58 -21.97 -13.87
C TYR A 338 -12.80 -21.17 -14.32
N ILE A 339 -12.57 -20.02 -14.94
CA ILE A 339 -13.66 -19.17 -15.40
C ILE A 339 -14.49 -19.92 -16.44
N SER A 340 -13.83 -20.63 -17.34
CA SER A 340 -14.54 -21.38 -18.37
C SER A 340 -15.43 -22.49 -17.80
N ASP A 341 -14.89 -23.24 -16.84
CA ASP A 341 -15.62 -24.35 -16.21
C ASP A 341 -16.70 -23.94 -15.22
N ASN A 342 -16.45 -22.86 -14.48
CA ASN A 342 -17.38 -22.42 -13.46
C ASN A 342 -18.32 -21.27 -13.78
N PHE A 343 -18.03 -20.51 -14.85
CA PHE A 343 -18.90 -19.40 -15.21
C PHE A 343 -19.39 -19.44 -16.66
N GLY A 344 -18.55 -19.92 -17.58
CA GLY A 344 -18.98 -19.99 -18.96
C GLY A 344 -18.20 -19.10 -19.92
N LYS A 345 -18.35 -19.38 -21.21
CA LYS A 345 -17.64 -18.63 -22.25
C LYS A 345 -17.90 -17.14 -22.32
N LYS A 346 -19.09 -16.71 -21.93
CA LYS A 346 -19.42 -15.29 -21.97
C LYS A 346 -18.59 -14.48 -20.98
N TYR A 347 -18.01 -15.17 -20.00
CA TYR A 347 -17.20 -14.49 -18.97
C TYR A 347 -15.71 -14.56 -19.27
N LEU A 348 -15.36 -15.17 -20.39
CA LEU A 348 -13.97 -15.35 -20.78
C LEU A 348 -13.60 -14.42 -21.94
N PRO A 349 -12.61 -13.53 -21.74
CA PRO A 349 -12.18 -12.60 -22.80
C PRO A 349 -11.53 -13.38 -23.93
N GLU A 350 -11.50 -12.81 -25.14
CA GLU A 350 -10.88 -13.48 -26.28
C GLU A 350 -9.45 -13.86 -25.91
N SER A 351 -8.72 -12.89 -25.38
CA SER A 351 -7.33 -13.08 -24.96
C SER A 351 -7.18 -12.65 -23.50
N PRO A 352 -6.12 -13.14 -22.84
CA PRO A 352 -5.86 -12.81 -21.43
C PRO A 352 -5.62 -11.32 -21.21
N ASN A 353 -6.01 -10.83 -20.05
CA ASN A 353 -5.79 -9.42 -19.73
C ASN A 353 -4.39 -9.27 -19.16
N GLN A 354 -3.63 -8.33 -19.71
CA GLN A 354 -2.27 -8.09 -19.24
C GLN A 354 -2.25 -6.71 -18.57
N TYR A 355 -2.06 -6.70 -17.25
CA TYR A 355 -2.03 -5.46 -16.48
C TYR A 355 -0.60 -4.94 -16.30
N ALA A 356 -0.47 -3.65 -16.05
CA ALA A 356 0.84 -3.04 -15.87
C ALA A 356 0.70 -1.63 -15.29
N ALA A 364 9.49 -10.34 -14.15
CA ALA A 364 10.15 -11.01 -13.03
C ALA A 364 9.16 -11.26 -11.88
N HIS A 365 8.81 -10.19 -11.18
CA HIS A 365 7.89 -10.29 -10.05
C HIS A 365 6.47 -10.65 -10.49
N GLU A 366 5.59 -10.83 -9.51
CA GLU A 366 4.21 -11.17 -9.80
C GLU A 366 3.27 -10.53 -8.80
N ALA A 367 2.00 -10.45 -9.17
CA ALA A 367 0.98 -9.87 -8.31
C ALA A 367 0.67 -10.83 -7.16
N ILE A 368 -0.10 -10.37 -6.20
CA ILE A 368 -0.49 -11.19 -5.08
C ILE A 368 -1.72 -11.96 -5.53
N ARG A 369 -1.61 -13.28 -5.61
CA ARG A 369 -2.70 -14.11 -6.09
C ARG A 369 -2.70 -15.49 -5.45
N PRO A 370 -3.80 -16.24 -5.64
CA PRO A 370 -3.89 -17.59 -5.09
C PRO A 370 -2.84 -18.43 -5.80
N SER A 371 -2.18 -19.33 -5.08
CA SER A 371 -1.18 -20.20 -5.70
C SER A 371 -1.88 -21.31 -6.49
N ASP A 372 -3.10 -21.63 -6.08
CA ASP A 372 -3.91 -22.64 -6.75
C ASP A 372 -5.34 -22.10 -6.79
N VAL A 373 -5.82 -21.74 -7.97
CA VAL A 373 -7.16 -21.17 -8.10
C VAL A 373 -8.26 -22.12 -7.66
N ASN A 374 -7.97 -23.42 -7.66
CA ASN A 374 -8.96 -24.42 -7.28
C ASN A 374 -9.10 -24.61 -5.78
N VAL A 375 -8.32 -23.86 -5.01
CA VAL A 375 -8.37 -23.91 -3.55
C VAL A 375 -9.23 -22.76 -3.06
N MET A 376 -10.35 -23.09 -2.42
CA MET A 376 -11.26 -22.08 -1.90
C MET A 376 -10.91 -21.65 -0.49
N ALA A 377 -11.34 -20.45 -0.12
CA ALA A 377 -11.07 -19.91 1.20
C ALA A 377 -11.60 -20.83 2.29
N GLU A 378 -12.68 -21.55 1.99
CA GLU A 378 -13.28 -22.46 2.95
C GLU A 378 -12.45 -23.72 3.17
N SER A 379 -11.54 -23.99 2.25
CA SER A 379 -10.70 -25.19 2.35
C SER A 379 -9.33 -25.01 2.97
N LEU A 380 -8.99 -23.78 3.35
CA LEU A 380 -7.68 -23.51 3.93
C LEU A 380 -7.49 -24.17 5.30
N LYS A 381 -6.34 -24.79 5.50
CA LYS A 381 -6.03 -25.46 6.75
C LYS A 381 -5.15 -24.62 7.68
N ASP A 382 -5.48 -24.66 8.96
CA ASP A 382 -4.74 -23.94 9.99
C ASP A 382 -4.77 -22.41 9.85
N MET A 383 -5.78 -21.89 9.15
CA MET A 383 -5.91 -20.45 8.94
C MET A 383 -7.14 -19.90 9.67
N GLU A 384 -6.97 -18.86 10.48
CA GLU A 384 -8.11 -18.28 11.20
C GLU A 384 -9.11 -17.67 10.22
N ALA A 385 -10.32 -17.39 10.72
CA ALA A 385 -11.38 -16.83 9.91
C ALA A 385 -11.00 -15.58 9.12
N ASP A 386 -10.32 -14.63 9.75
CA ASP A 386 -9.93 -13.42 9.05
C ASP A 386 -8.91 -13.65 7.95
N ALA A 387 -8.05 -14.66 8.13
CA ALA A 387 -7.05 -15.00 7.12
C ALA A 387 -7.73 -15.64 5.92
N GLN A 388 -8.82 -16.35 6.17
CA GLN A 388 -9.59 -16.97 5.10
C GLN A 388 -10.30 -15.84 4.38
N LYS A 389 -10.75 -14.83 5.13
CA LYS A 389 -11.42 -13.69 4.50
C LYS A 389 -10.45 -12.94 3.59
N LEU A 390 -9.18 -12.84 4.01
CA LEU A 390 -8.18 -12.13 3.19
C LEU A 390 -7.92 -12.95 1.92
N TYR A 391 -7.82 -14.26 2.07
CA TYR A 391 -7.56 -15.12 0.91
C TYR A 391 -8.71 -14.96 -0.08
N GLN A 392 -9.93 -14.92 0.45
CA GLN A 392 -11.12 -14.76 -0.39
C GLN A 392 -11.03 -13.46 -1.17
N LEU A 393 -10.62 -12.39 -0.49
CA LEU A 393 -10.49 -11.09 -1.13
C LEU A 393 -9.49 -11.19 -2.28
N ILE A 394 -8.33 -11.79 -2.02
CA ILE A 394 -7.26 -11.98 -3.01
C ILE A 394 -7.73 -12.87 -4.16
N TRP A 395 -8.41 -13.97 -3.81
CA TRP A 395 -8.93 -14.92 -4.79
C TRP A 395 -9.94 -14.26 -5.73
N ARG A 396 -10.92 -13.58 -5.16
CA ARG A 396 -11.95 -12.93 -5.98
C ARG A 396 -11.34 -11.89 -6.93
N GLN A 397 -10.40 -11.12 -6.42
CA GLN A 397 -9.75 -10.08 -7.22
C GLN A 397 -9.00 -10.70 -8.40
N PHE A 398 -8.30 -11.81 -8.11
CA PHE A 398 -7.55 -12.53 -9.13
C PHE A 398 -8.44 -13.10 -10.23
N VAL A 399 -9.49 -13.80 -9.84
CA VAL A 399 -10.42 -14.39 -10.81
C VAL A 399 -11.11 -13.29 -11.63
N ALA A 400 -11.61 -12.27 -10.94
CA ALA A 400 -12.30 -11.17 -11.60
C ALA A 400 -11.45 -10.44 -12.64
N CYS A 401 -10.16 -10.26 -12.35
CA CYS A 401 -9.29 -9.52 -13.27
C CYS A 401 -9.11 -10.18 -14.63
N GLN A 402 -9.55 -11.43 -14.75
CA GLN A 402 -9.43 -12.15 -16.01
C GLN A 402 -10.80 -12.44 -16.62
N MET A 403 -11.85 -11.82 -16.08
CA MET A 403 -13.19 -12.01 -16.62
C MET A 403 -13.57 -10.81 -17.48
N THR A 404 -14.64 -10.95 -18.25
CA THR A 404 -15.12 -9.90 -19.14
C THR A 404 -15.77 -8.73 -18.39
N PRO A 405 -15.78 -7.55 -19.01
CA PRO A 405 -16.37 -6.34 -18.41
C PRO A 405 -17.86 -6.51 -18.21
N ALA A 406 -18.41 -5.78 -17.25
CA ALA A 406 -19.84 -5.81 -17.01
C ALA A 406 -20.43 -4.81 -18.01
N LYS A 407 -21.62 -5.12 -18.52
CA LYS A 407 -22.27 -4.25 -19.50
C LYS A 407 -23.54 -3.64 -18.93
N TYR A 408 -23.72 -2.34 -19.18
CA TYR A 408 -24.92 -1.64 -18.73
C TYR A 408 -25.47 -0.76 -19.83
N ASP A 409 -26.76 -0.45 -19.75
CA ASP A 409 -27.40 0.45 -20.70
C ASP A 409 -27.67 1.69 -19.86
N SER A 410 -26.91 2.74 -20.11
CA SER A 410 -27.05 3.97 -19.36
C SER A 410 -27.95 4.95 -20.08
N THR A 411 -28.75 5.69 -19.31
CA THR A 411 -29.68 6.66 -19.87
C THR A 411 -29.56 8.00 -19.15
N THR A 412 -29.61 9.08 -19.92
CA THR A 412 -29.52 10.43 -19.40
C THR A 412 -30.64 11.28 -20.00
N LEU A 413 -31.59 11.68 -19.16
CA LEU A 413 -32.71 12.50 -19.62
C LEU A 413 -32.52 13.95 -19.22
N THR A 414 -32.59 14.84 -20.21
CA THR A 414 -32.45 16.26 -19.95
C THR A 414 -33.82 16.90 -20.12
N VAL A 415 -34.26 17.61 -19.10
CA VAL A 415 -35.57 18.25 -19.12
C VAL A 415 -35.43 19.77 -19.12
N GLY A 416 -36.37 20.43 -19.79
CA GLY A 416 -36.36 21.89 -19.85
C GLY A 416 -37.55 22.40 -19.08
N ALA A 417 -37.36 23.49 -18.35
CA ALA A 417 -38.41 24.11 -17.57
C ALA A 417 -38.11 25.60 -17.52
N GLY A 418 -38.70 26.35 -18.45
CA GLY A 418 -38.45 27.78 -18.50
C GLY A 418 -36.97 27.96 -18.80
N ASP A 419 -36.28 28.78 -18.00
CA ASP A 419 -34.86 28.99 -18.23
C ASP A 419 -34.03 27.96 -17.49
N PHE A 420 -34.68 26.94 -16.93
CA PHE A 420 -33.96 25.91 -16.20
C PHE A 420 -33.77 24.63 -17.00
N ARG A 421 -32.71 23.91 -16.66
CA ARG A 421 -32.39 22.64 -17.27
C ARG A 421 -32.25 21.65 -16.11
N LEU A 422 -32.87 20.49 -16.25
CA LEU A 422 -32.81 19.46 -15.21
C LEU A 422 -32.32 18.16 -15.83
N LYS A 423 -31.79 17.28 -15.00
CA LYS A 423 -31.25 16.02 -15.47
C LYS A 423 -31.64 14.82 -14.61
N ALA A 424 -31.69 13.66 -15.24
CA ALA A 424 -32.01 12.42 -14.56
C ALA A 424 -31.08 11.37 -15.17
N ARG A 425 -30.55 10.49 -14.33
CA ARG A 425 -29.66 9.45 -14.81
C ARG A 425 -30.08 8.08 -14.30
N GLY A 426 -29.98 7.09 -15.18
CA GLY A 426 -30.37 5.73 -14.83
C GLY A 426 -29.48 4.73 -15.53
N ARG A 427 -29.46 3.50 -15.05
CA ARG A 427 -28.62 2.48 -15.65
C ARG A 427 -29.20 1.10 -15.38
N ILE A 428 -29.26 0.26 -16.42
CA ILE A 428 -29.77 -1.10 -16.28
C ILE A 428 -28.68 -2.10 -16.65
N LEU A 429 -28.43 -3.04 -15.74
CA LEU A 429 -27.42 -4.06 -15.97
C LEU A 429 -27.83 -5.02 -17.08
N ARG A 430 -26.98 -5.16 -18.10
CA ARG A 430 -27.27 -6.07 -19.22
C ARG A 430 -26.54 -7.40 -19.03
N PHE A 431 -25.25 -7.31 -18.69
CA PHE A 431 -24.43 -8.49 -18.47
C PHE A 431 -23.54 -8.23 -17.25
N ASP A 432 -23.61 -9.11 -16.25
CA ASP A 432 -22.81 -8.91 -15.05
C ASP A 432 -21.30 -9.06 -15.19
N GLY A 433 -20.87 -9.89 -16.14
CA GLY A 433 -19.44 -10.06 -16.33
C GLY A 433 -18.69 -10.39 -15.05
N TRP A 434 -17.55 -9.72 -14.86
CA TRP A 434 -16.69 -9.92 -13.70
C TRP A 434 -17.37 -9.75 -12.34
N THR A 435 -18.43 -8.97 -12.27
CA THR A 435 -19.10 -8.77 -10.98
C THR A 435 -19.77 -10.04 -10.48
N LYS A 436 -19.87 -11.03 -11.36
CA LYS A 436 -20.49 -12.30 -10.99
C LYS A 436 -19.74 -13.01 -9.86
N VAL A 437 -18.43 -12.82 -9.80
CA VAL A 437 -17.62 -13.47 -8.77
C VAL A 437 -17.64 -12.71 -7.44
N MET A 438 -18.23 -11.53 -7.45
CA MET A 438 -18.34 -10.72 -6.23
C MET A 438 -19.72 -10.97 -5.62
N PRO A 439 -19.87 -10.70 -4.31
CA PRO A 439 -21.17 -10.92 -3.64
C PRO A 439 -22.34 -10.29 -4.39
N ALA A 440 -23.45 -11.02 -4.44
CA ALA A 440 -24.65 -10.55 -5.12
C ALA A 440 -25.10 -9.22 -4.51
N LEU A 441 -25.71 -8.37 -5.35
CA LEU A 441 -26.18 -7.05 -4.91
C LEU A 441 -27.38 -7.13 -3.97
N ARG A 442 -27.43 -6.18 -3.03
CA ARG A 442 -28.52 -6.11 -2.06
C ARG A 442 -29.81 -5.65 -2.72
N GLU A 446 -29.68 -2.96 -8.36
CA GLU A 446 -29.49 -1.65 -7.74
C GLU A 446 -30.75 -0.79 -7.84
N ASP A 447 -30.58 0.52 -7.71
CA ASP A 447 -31.70 1.45 -7.78
C ASP A 447 -31.53 2.41 -8.96
N ARG A 448 -32.58 2.54 -9.77
CA ARG A 448 -32.55 3.43 -10.92
C ARG A 448 -33.69 3.11 -11.89
N ILE A 449 -33.33 2.76 -13.12
CA ILE A 449 -34.33 2.42 -14.16
C ILE A 449 -35.40 3.46 -14.56
N LEU A 450 -34.99 4.66 -14.98
CA LEU A 450 -35.91 5.76 -15.24
C LEU A 450 -37.09 5.33 -16.13
N PRO A 451 -38.21 6.03 -16.01
CA PRO A 451 -39.42 5.69 -16.75
C PRO A 451 -39.27 5.95 -18.25
N ALA A 452 -40.19 5.42 -19.04
CA ALA A 452 -40.16 5.60 -20.49
C ALA A 452 -40.64 6.98 -20.89
N VAL A 453 -39.81 7.72 -21.62
CA VAL A 453 -40.15 9.06 -22.08
C VAL A 453 -39.47 9.38 -23.40
N ASN A 454 -40.15 10.18 -24.22
CA ASN A 454 -39.62 10.57 -25.53
C ASN A 454 -39.48 12.09 -25.60
N LYS A 455 -38.61 12.55 -26.50
CA LYS A 455 -38.41 13.99 -26.67
C LYS A 455 -39.76 14.67 -26.91
N GLY A 456 -39.96 15.81 -26.25
CA GLY A 456 -41.21 16.54 -26.43
C GLY A 456 -42.27 16.18 -25.42
N ASP A 457 -42.08 15.09 -24.68
CA ASP A 457 -43.07 14.69 -23.68
C ASP A 457 -43.16 15.72 -22.56
N ALA A 458 -44.39 15.97 -22.12
CA ALA A 458 -44.63 16.92 -21.05
C ALA A 458 -44.59 16.18 -19.72
N LEU A 459 -44.03 16.84 -18.71
CA LEU A 459 -43.95 16.25 -17.38
C LEU A 459 -44.74 17.15 -16.43
N THR A 460 -45.46 16.55 -15.50
CA THR A 460 -46.25 17.32 -14.55
C THR A 460 -45.49 17.44 -13.23
N LEU A 461 -45.33 18.67 -12.74
CA LEU A 461 -44.61 18.90 -11.50
C LEU A 461 -45.43 18.45 -10.29
N VAL A 462 -44.85 17.61 -9.45
CA VAL A 462 -45.53 17.12 -8.26
C VAL A 462 -45.00 17.84 -7.03
N GLU A 463 -43.68 17.91 -6.90
CA GLU A 463 -43.06 18.56 -5.76
C GLU A 463 -41.62 19.02 -6.03
N LEU A 464 -41.21 20.07 -5.34
CA LEU A 464 -39.85 20.60 -5.45
C LEU A 464 -39.26 20.47 -4.06
N THR A 465 -38.04 19.95 -3.98
CA THR A 465 -37.38 19.76 -2.70
C THR A 465 -35.99 20.39 -2.66
N PRO A 466 -35.86 21.55 -2.02
CA PRO A 466 -34.57 22.22 -1.93
C PRO A 466 -33.74 21.56 -0.82
N ALA A 467 -32.41 21.61 -0.94
CA ALA A 467 -31.55 20.99 0.06
C ALA A 467 -30.28 21.80 0.29
N GLN A 468 -29.95 22.02 1.55
CA GLN A 468 -28.77 22.78 1.92
C GLN A 468 -27.61 21.81 2.14
N HIS A 469 -26.43 22.18 1.64
CA HIS A 469 -25.24 21.36 1.80
C HIS A 469 -24.03 22.21 2.13
N PHE A 470 -22.96 21.54 2.57
CA PHE A 470 -21.73 22.23 2.93
C PHE A 470 -20.53 21.41 2.46
N THR A 471 -19.59 22.07 1.79
CA THR A 471 -18.40 21.38 1.32
C THR A 471 -17.72 20.78 2.55
N LYS A 472 -17.13 19.60 2.39
CA LYS A 472 -16.47 18.93 3.49
C LYS A 472 -14.95 19.13 3.49
N PRO A 473 -14.32 18.95 4.66
CA PRO A 473 -12.86 19.10 4.79
C PRO A 473 -12.14 17.86 4.27
N PRO A 474 -10.88 18.00 3.85
CA PRO A 474 -10.14 16.85 3.35
C PRO A 474 -10.31 15.65 4.27
N ALA A 475 -10.41 14.47 3.70
CA ALA A 475 -10.58 13.27 4.52
C ALA A 475 -9.29 12.94 5.27
N ARG A 476 -9.43 12.30 6.43
CA ARG A 476 -8.29 11.91 7.23
C ARG A 476 -7.66 10.66 6.62
N PHE A 477 -6.38 10.47 6.90
CA PHE A 477 -5.66 9.29 6.41
C PHE A 477 -6.01 8.08 7.25
N SER A 478 -6.07 6.92 6.60
CA SER A 478 -6.29 5.67 7.30
C SER A 478 -4.88 5.08 7.19
N GLU A 479 -4.60 3.96 7.86
CA GLU A 479 -3.27 3.39 7.75
C GLU A 479 -2.99 3.09 6.28
N ALA A 480 -3.95 2.44 5.62
CA ALA A 480 -3.79 2.07 4.22
C ALA A 480 -3.81 3.24 3.25
N SER A 481 -4.59 4.29 3.53
CA SER A 481 -4.65 5.42 2.61
C SER A 481 -3.42 6.30 2.75
N LEU A 482 -2.70 6.18 3.86
CA LEU A 482 -1.46 6.93 4.02
C LEU A 482 -0.45 6.18 3.16
N VAL A 483 -0.54 4.85 3.16
CA VAL A 483 0.35 4.03 2.36
C VAL A 483 0.12 4.38 0.89
N LYS A 484 -1.14 4.59 0.55
CA LYS A 484 -1.51 4.97 -0.82
C LYS A 484 -0.85 6.29 -1.20
N GLU A 485 -0.81 7.22 -0.24
CA GLU A 485 -0.21 8.54 -0.46
C GLU A 485 1.30 8.42 -0.56
N LEU A 486 1.89 7.58 0.29
CA LEU A 486 3.33 7.36 0.27
C LEU A 486 3.74 6.81 -1.09
N GLU A 487 3.04 5.78 -1.55
CA GLU A 487 3.32 5.19 -2.85
C GLU A 487 3.20 6.20 -3.99
N LYS A 488 2.13 6.99 -3.95
CA LYS A 488 1.90 8.01 -4.97
C LYS A 488 3.09 8.97 -5.07
N ARG A 489 3.69 9.30 -3.93
CA ARG A 489 4.83 10.22 -3.92
C ARG A 489 6.17 9.50 -4.10
N GLY A 490 6.11 8.18 -4.32
CA GLY A 490 7.31 7.38 -4.52
C GLY A 490 8.19 7.29 -3.28
N ILE A 491 7.58 7.42 -2.11
CA ILE A 491 8.30 7.38 -0.86
C ILE A 491 8.45 6.02 -0.19
N GLY A 492 7.40 5.20 -0.16
CA GLY A 492 7.60 3.91 0.48
C GLY A 492 8.25 2.86 -0.42
N ARG A 493 7.99 1.61 -0.09
CA ARG A 493 8.46 0.45 -0.82
C ARG A 493 7.60 -0.68 -0.24
N PRO A 494 7.26 -1.69 -1.06
CA PRO A 494 6.44 -2.78 -0.54
C PRO A 494 6.96 -3.36 0.77
N SER A 495 8.28 -3.53 0.87
CA SER A 495 8.86 -4.09 2.08
C SER A 495 8.88 -3.15 3.29
N THR A 496 8.60 -1.86 3.10
CA THR A 496 8.61 -0.92 4.22
C THR A 496 7.29 -0.19 4.56
N TYR A 497 6.24 -0.32 3.75
CA TYR A 497 4.99 0.39 4.05
C TYR A 497 4.46 0.05 5.46
N ALA A 498 4.38 -1.24 5.78
CA ALA A 498 3.88 -1.65 7.08
C ALA A 498 4.76 -1.18 8.24
N SER A 499 6.08 -1.27 8.08
CA SER A 499 6.97 -0.83 9.16
C SER A 499 6.87 0.69 9.36
N ILE A 500 6.69 1.43 8.28
CA ILE A 500 6.55 2.88 8.39
C ILE A 500 5.28 3.20 9.18
N ILE A 501 4.17 2.57 8.80
CA ILE A 501 2.90 2.77 9.47
C ILE A 501 2.99 2.42 10.95
N SER A 502 3.67 1.33 11.25
CA SER A 502 3.81 0.87 12.63
C SER A 502 4.70 1.79 13.47
N THR A 503 5.86 2.16 12.92
CA THR A 503 6.82 3.00 13.61
C THR A 503 6.31 4.40 13.99
N ILE A 504 5.63 5.08 13.07
CA ILE A 504 5.15 6.43 13.38
C ILE A 504 4.09 6.48 14.48
N GLN A 505 3.57 5.33 14.88
CA GLN A 505 2.53 5.27 15.91
C GLN A 505 2.98 5.24 17.37
N ASP A 506 3.81 4.28 17.73
CA ASP A 506 4.24 4.18 19.11
C ASP A 506 5.39 5.15 19.40
N ARG A 507 5.16 6.43 19.09
CA ARG A 507 6.16 7.47 19.29
C ARG A 507 5.54 8.75 19.84
N GLY A 508 4.22 8.80 19.83
CA GLY A 508 3.51 9.96 20.32
C GLY A 508 3.43 11.09 19.32
N TYR A 509 3.67 10.79 18.05
CA TYR A 509 3.62 11.80 17.00
C TYR A 509 2.26 11.82 16.32
N VAL A 510 1.74 10.63 16.06
CA VAL A 510 0.43 10.51 15.43
C VAL A 510 -0.27 9.35 16.13
N ARG A 511 -1.58 9.30 16.03
CA ARG A 511 -2.34 8.22 16.66
C ARG A 511 -3.51 7.82 15.78
N VAL A 512 -3.94 6.58 15.91
CA VAL A 512 -5.08 6.09 15.15
C VAL A 512 -6.27 5.98 16.08
N GLU A 513 -7.37 6.61 15.67
CA GLU A 513 -8.60 6.58 16.42
C GLU A 513 -9.72 6.38 15.42
N ASN A 514 -10.59 5.42 15.67
CA ASN A 514 -11.68 5.16 14.75
C ASN A 514 -11.12 4.88 13.35
N ARG A 515 -10.01 4.15 13.32
CA ARG A 515 -9.34 3.76 12.08
C ARG A 515 -8.77 4.90 11.24
N ARG A 516 -8.60 6.07 11.85
CA ARG A 516 -8.06 7.23 11.15
C ARG A 516 -6.95 7.89 11.95
N PHE A 517 -6.02 8.52 11.24
CA PHE A 517 -4.89 9.21 11.84
C PHE A 517 -5.20 10.62 12.33
N TYR A 518 -4.60 10.97 13.46
CA TYR A 518 -4.72 12.28 14.07
C TYR A 518 -3.30 12.67 14.43
N ALA A 519 -2.88 13.88 14.07
CA ALA A 519 -1.55 14.32 14.41
C ALA A 519 -1.57 14.79 15.84
N GLU A 520 -0.61 14.35 16.65
CA GLU A 520 -0.55 14.78 18.04
C GLU A 520 0.28 16.05 18.08
N LYS A 521 0.13 16.82 19.15
CA LYS A 521 0.87 18.07 19.27
C LYS A 521 2.38 17.86 19.18
N MET A 522 2.90 16.81 19.80
CA MET A 522 4.35 16.57 19.73
C MET A 522 4.76 16.26 18.29
N GLY A 523 3.84 15.68 17.52
CA GLY A 523 4.12 15.38 16.13
C GLY A 523 4.31 16.68 15.36
N GLU A 524 3.50 17.69 15.67
CA GLU A 524 3.63 18.98 14.98
C GLU A 524 4.89 19.72 15.42
N ILE A 525 5.16 19.67 16.72
CA ILE A 525 6.34 20.30 17.31
C ILE A 525 7.62 19.76 16.67
N VAL A 526 7.74 18.44 16.60
CA VAL A 526 8.94 17.83 16.02
C VAL A 526 8.99 18.08 14.51
N THR A 527 7.85 17.95 13.85
CA THR A 527 7.81 18.16 12.41
C THR A 527 8.29 19.57 12.02
N ASP A 528 7.86 20.59 12.76
CA ASP A 528 8.28 21.95 12.45
C ASP A 528 9.78 22.11 12.66
N ARG A 529 10.30 21.54 13.75
CA ARG A 529 11.73 21.61 14.07
C ARG A 529 12.56 20.93 12.96
N LEU A 530 12.10 19.76 12.52
CA LEU A 530 12.83 19.03 11.48
C LEU A 530 12.76 19.70 10.13
N GLU A 531 11.63 20.33 9.81
CA GLU A 531 11.51 21.02 8.53
C GLU A 531 12.40 22.24 8.52
N GLU A 532 12.55 22.87 9.68
CA GLU A 532 13.38 24.04 9.82
C GLU A 532 14.88 23.73 9.77
N ASN A 533 15.32 22.68 10.46
CA ASN A 533 16.74 22.33 10.50
C ASN A 533 17.21 21.13 9.70
N PHE A 534 16.29 20.40 9.08
CA PHE A 534 16.64 19.25 8.25
C PHE A 534 15.73 19.27 7.02
N ARG A 535 15.68 20.41 6.37
CA ARG A 535 14.83 20.57 5.19
C ARG A 535 15.01 19.50 4.12
N GLU A 536 16.25 19.17 3.78
CA GLU A 536 16.47 18.16 2.74
C GLU A 536 15.93 16.81 3.14
N LEU A 537 16.20 16.42 4.38
CA LEU A 537 15.75 15.14 4.89
C LEU A 537 14.23 15.05 4.94
N MET A 538 13.57 16.18 5.17
CA MET A 538 12.10 16.21 5.26
C MET A 538 11.38 16.46 3.93
N ASN A 539 12.14 16.80 2.90
CA ASN A 539 11.60 17.09 1.57
C ASN A 539 11.07 15.81 0.88
N TYR A 540 9.85 15.85 0.37
CA TYR A 540 9.25 14.68 -0.28
C TYR A 540 9.99 14.18 -1.51
N ASP A 541 10.37 15.09 -2.41
CA ASP A 541 11.07 14.67 -3.62
C ASP A 541 12.43 14.08 -3.31
N PHE A 542 13.16 14.68 -2.37
CA PHE A 542 14.47 14.15 -2.01
C PHE A 542 14.34 12.76 -1.40
N THR A 543 13.30 12.54 -0.61
CA THR A 543 13.14 11.22 0.01
C THR A 543 12.81 10.19 -1.07
N ALA A 544 12.02 10.59 -2.05
CA ALA A 544 11.66 9.70 -3.14
C ALA A 544 12.94 9.40 -3.93
N GLN A 545 13.77 10.42 -4.11
CA GLN A 545 15.02 10.26 -4.87
C GLN A 545 15.97 9.29 -4.17
N MET A 546 15.93 9.25 -2.84
CA MET A 546 16.80 8.32 -2.13
C MET A 546 16.37 6.88 -2.43
N GLU A 547 15.05 6.66 -2.57
CA GLU A 547 14.58 5.32 -2.89
C GLU A 547 15.14 4.93 -4.25
N ASN A 548 15.20 5.90 -5.17
CA ASN A 548 15.76 5.65 -6.50
C ASN A 548 17.25 5.33 -6.38
N SER A 549 17.94 6.03 -5.50
CA SER A 549 19.36 5.79 -5.31
C SER A 549 19.59 4.37 -4.81
N LEU A 550 18.73 3.91 -3.92
CA LEU A 550 18.84 2.56 -3.40
C LEU A 550 18.61 1.57 -4.54
N ASP A 551 17.65 1.87 -5.41
CA ASP A 551 17.39 0.99 -6.55
C ASP A 551 18.62 0.96 -7.45
N GLN A 552 19.31 2.09 -7.57
CA GLN A 552 20.51 2.15 -8.40
C GLN A 552 21.61 1.26 -7.82
N VAL A 553 21.73 1.22 -6.48
CA VAL A 553 22.73 0.37 -5.84
C VAL A 553 22.40 -1.10 -6.13
N ALA A 554 21.12 -1.43 -6.00
CA ALA A 554 20.64 -2.79 -6.24
C ALA A 554 20.89 -3.24 -7.68
N ASN A 555 20.84 -2.30 -8.62
CA ASN A 555 21.04 -2.61 -10.03
C ASN A 555 22.43 -2.29 -10.57
N HIS A 556 23.39 -2.18 -9.67
CA HIS A 556 24.77 -1.90 -10.03
C HIS A 556 24.96 -0.60 -10.82
N GLU A 557 24.10 0.38 -10.57
CA GLU A 557 24.18 1.68 -11.24
C GLU A 557 24.77 2.73 -10.31
N ALA A 558 25.04 2.31 -9.08
CA ALA A 558 25.63 3.18 -8.05
C ALA A 558 26.34 2.29 -7.05
N GLU A 559 27.31 2.83 -6.32
CA GLU A 559 28.06 2.05 -5.34
C GLU A 559 27.58 2.46 -3.93
N TRP A 560 27.19 1.47 -3.13
CA TRP A 560 26.63 1.79 -1.81
C TRP A 560 27.37 2.71 -0.86
N LYS A 561 28.68 2.51 -0.67
CA LYS A 561 29.40 3.38 0.24
C LYS A 561 29.49 4.82 -0.24
N ALA A 562 29.53 5.02 -1.56
CA ALA A 562 29.59 6.35 -2.13
C ALA A 562 28.24 7.03 -1.92
N VAL A 563 27.17 6.27 -2.11
CA VAL A 563 25.84 6.84 -1.91
C VAL A 563 25.71 7.22 -0.43
N LEU A 564 26.20 6.36 0.45
CA LEU A 564 26.16 6.63 1.89
C LEU A 564 27.02 7.86 2.24
N ASP A 565 28.19 7.98 1.61
CA ASP A 565 29.05 9.14 1.88
C ASP A 565 28.35 10.46 1.53
N HIS A 566 27.68 10.49 0.38
CA HIS A 566 26.98 11.70 -0.06
C HIS A 566 25.83 11.98 0.93
N PHE A 567 25.10 10.92 1.29
CA PHE A 567 24.01 11.08 2.25
C PHE A 567 24.54 11.63 3.58
N PHE A 568 25.60 11.01 4.09
CA PHE A 568 26.18 11.42 5.38
C PHE A 568 26.75 12.82 5.34
N SER A 569 27.35 13.18 4.20
CA SER A 569 27.92 14.50 4.03
C SER A 569 26.84 15.57 4.18
N ASP A 570 25.74 15.42 3.46
CA ASP A 570 24.63 16.38 3.53
C ASP A 570 23.98 16.34 4.92
N PHE A 571 23.84 15.15 5.48
CA PHE A 571 23.23 15.00 6.79
C PHE A 571 23.99 15.72 7.91
N THR A 572 25.30 15.46 8.00
CA THR A 572 26.13 16.07 9.03
C THR A 572 26.10 17.60 8.96
N GLN A 573 26.03 18.13 7.75
CA GLN A 573 25.96 19.57 7.54
C GLN A 573 24.67 20.05 8.23
N GLN A 574 23.57 19.39 7.93
CA GLN A 574 22.27 19.73 8.51
C GLN A 574 22.39 19.65 10.04
N LEU A 575 22.87 18.52 10.54
CA LEU A 575 23.02 18.27 11.97
C LEU A 575 23.94 19.23 12.71
N ASP A 576 25.09 19.55 12.12
CA ASP A 576 26.03 20.45 12.77
C ASP A 576 25.36 21.80 13.04
N LYS A 577 24.66 22.32 12.05
CA LYS A 577 23.97 23.61 12.17
C LYS A 577 22.82 23.53 13.16
N ALA A 578 22.16 22.37 13.21
CA ALA A 578 21.01 22.18 14.10
C ALA A 578 21.37 22.19 15.58
N GLU A 579 22.58 21.73 15.90
CA GLU A 579 23.03 21.68 17.29
C GLU A 579 23.41 23.05 17.82
N LYS A 580 23.60 24.02 16.93
CA LYS A 580 23.97 25.37 17.33
C LYS A 580 22.82 26.08 18.03
N ASP A 581 23.13 27.17 18.73
CA ASP A 581 22.09 27.94 19.43
C ASP A 581 21.15 28.49 18.36
N PRO A 582 19.88 28.69 18.72
CA PRO A 582 18.96 29.22 17.71
C PRO A 582 19.33 30.61 17.18
N GLU A 583 20.07 31.39 17.97
CA GLU A 583 20.46 32.72 17.52
C GLU A 583 21.43 32.63 16.35
N GLU A 584 22.03 31.45 16.16
CA GLU A 584 22.95 31.24 15.06
C GLU A 584 22.41 30.23 14.05
N GLY A 585 21.09 30.06 14.04
CA GLY A 585 20.47 29.14 13.10
C GLY A 585 20.20 27.73 13.60
N GLY A 586 20.49 27.46 14.87
CA GLY A 586 20.27 26.15 15.42
C GLY A 586 18.80 25.85 15.67
N MET A 587 18.49 24.62 16.08
CA MET A 587 17.11 24.22 16.33
C MET A 587 16.45 24.97 17.49
N ARG A 588 15.18 25.33 17.30
CA ARG A 588 14.41 26.05 18.31
C ARG A 588 14.06 25.12 19.47
N PRO A 589 14.29 25.57 20.72
CA PRO A 589 13.98 24.72 21.87
C PRO A 589 12.47 24.62 22.02
N ASN A 590 11.99 23.55 22.65
CA ASN A 590 10.57 23.34 22.86
C ASN A 590 10.16 24.02 24.17
N GLN A 591 10.03 25.35 24.12
CA GLN A 591 9.65 26.10 25.31
C GLN A 591 9.09 27.47 24.98
N MET A 592 8.49 28.09 25.98
CA MET A 592 7.91 29.43 25.87
C MET A 592 8.51 30.26 26.99
N VAL A 593 9.38 31.21 26.64
CA VAL A 593 10.03 32.06 27.64
C VAL A 593 9.10 33.16 28.14
N LEU A 594 8.82 33.15 29.45
CA LEU A 594 7.95 34.13 30.07
C LEU A 594 8.72 35.15 30.89
N THR A 595 8.26 36.40 30.83
CA THR A 595 8.88 37.51 31.55
C THR A 595 8.98 37.22 33.05
S SO4 B . 10.38 21.96 1.01
O1 SO4 B . 9.29 21.02 1.35
O2 SO4 B . 10.21 23.20 1.77
O3 SO4 B . 11.69 21.35 1.34
O4 SO4 B . 10.35 22.24 -0.43
S SO4 C . 15.29 -5.43 -6.81
O1 SO4 C . 15.96 -6.10 -7.94
O2 SO4 C . 14.01 -6.11 -6.53
O3 SO4 C . 16.17 -5.51 -5.63
O4 SO4 C . 15.05 -4.02 -7.14
S SO4 D . -10.15 6.42 1.93
O1 SO4 D . -11.17 6.20 0.90
O2 SO4 D . -10.24 7.81 2.43
O3 SO4 D . -10.35 5.49 3.05
O4 SO4 D . -8.81 6.20 1.35
#